data_9JDH
#
_entry.id   9JDH
#
_cell.length_a   43.670
_cell.length_b   49.370
_cell.length_c   183.760
_cell.angle_alpha   90.000
_cell.angle_beta   90.000
_cell.angle_gamma   90.000
#
_symmetry.space_group_name_H-M   'P 21 21 21'
#
loop_
_entity.id
_entity.type
_entity.pdbx_description
1 polymer 'Peptidase C39-like domain-containing protein'
2 non-polymer DI(HYDROXYETHYL)ETHER
3 water water
#
_entity_poly.entity_id   1
_entity_poly.type   'polypeptide(L)'
_entity_poly.pdbx_seq_one_letter_code
;MGSSHHHHHHLTISIDIKAEDRKYQIVENSVTSILFKVSDTTTRYVYNIRMGEMRNESETTPEGLKNLNLKKECDLSVKI
RTEADQAFVLSEKHRGNIMLVEFFKYEGIPVLCASCVLIVKPSDLKITQVIFKDSTGKEVGCGSVQYEANLKFALRVKYN
RPLLRGEKAPKLKCKGYCTNAVTGEYEEISKFRVDENGAYTDTFYCDDGLQESHAGADYVFSFGINNPYGPPFMIEDTNV
PVPSIQKIHLIGRNLKKPQITSVIWSSKEMIKFGEDSPRRKSINYNEDGFLHIHARGMYGQKVRVELFEKDSTGIKKLLL
GLKDDVTILDNVVCVPVEMSGVYAKAAKGRHALAEGLSFEILAKVTPLDTSIAAFEQDDKSLIELQIYGK
;
_entity_poly.pdbx_strand_id   A
#
loop_
_chem_comp.id
_chem_comp.type
_chem_comp.name
_chem_comp.formula
PEG non-polymer DI(HYDROXYETHYL)ETHER 'C4 H10 O3'
#
# COMPACT_ATOMS: atom_id res chain seq x y z
N HIS A 6 28.47 -1.21 -9.68
CA HIS A 6 28.80 -0.02 -10.48
C HIS A 6 29.31 1.18 -9.71
N HIS A 7 28.81 1.36 -8.50
CA HIS A 7 29.28 2.43 -7.64
C HIS A 7 30.54 2.02 -6.87
N HIS A 8 31.49 2.95 -6.79
CA HIS A 8 32.70 2.71 -6.00
C HIS A 8 32.34 2.54 -4.52
N HIS A 9 32.90 1.51 -3.89
CA HIS A 9 32.71 1.28 -2.47
C HIS A 9 33.93 1.62 -1.64
N HIS A 10 35.05 1.97 -2.27
CA HIS A 10 36.28 2.25 -1.54
C HIS A 10 37.04 3.36 -2.25
N LEU A 11 37.64 4.25 -1.46
CA LEU A 11 38.35 5.40 -1.98
C LEU A 11 39.81 5.36 -1.52
N THR A 12 40.69 5.83 -2.40
CA THR A 12 42.10 6.03 -2.09
C THR A 12 42.41 7.50 -2.29
N ILE A 13 42.61 8.22 -1.19
CA ILE A 13 42.79 9.68 -1.22
C ILE A 13 44.25 9.98 -0.97
N SER A 14 44.87 10.66 -1.92
CA SER A 14 46.26 11.11 -1.77
C SER A 14 46.30 12.46 -1.07
N ILE A 15 47.24 12.60 -0.13
CA ILE A 15 47.39 13.81 0.66
C ILE A 15 48.78 14.36 0.41
N ASP A 16 48.87 15.49 -0.29
CA ASP A 16 50.14 16.14 -0.54
C ASP A 16 50.50 17.01 0.65
N ILE A 17 51.50 16.57 1.43
CA ILE A 17 51.96 17.35 2.57
C ILE A 17 52.52 18.69 2.11
N LYS A 18 53.18 18.72 0.94
CA LYS A 18 53.75 19.96 0.43
C LYS A 18 52.68 20.97 0.01
N ALA A 19 51.46 20.51 -0.23
CA ALA A 19 50.39 21.41 -0.64
C ALA A 19 49.86 22.19 0.55
N GLU A 20 49.33 23.38 0.27
CA GLU A 20 48.77 24.27 1.27
C GLU A 20 47.26 24.44 1.13
N ASP A 21 46.67 23.88 0.08
CA ASP A 21 45.23 23.93 -0.14
C ASP A 21 44.60 22.63 0.33
N ARG A 22 43.67 22.72 1.26
CA ARG A 22 42.99 21.55 1.79
C ARG A 22 42.23 20.84 0.68
N LYS A 23 42.44 19.53 0.56
CA LYS A 23 41.71 18.73 -0.41
C LYS A 23 40.29 18.47 0.08
N TYR A 24 39.34 18.54 -0.84
CA TYR A 24 37.94 18.25 -0.56
C TYR A 24 37.52 17.03 -1.36
N GLN A 25 37.02 16.01 -0.68
CA GLN A 25 36.64 14.75 -1.31
C GLN A 25 35.19 14.44 -0.97
N ILE A 26 34.37 14.30 -2.01
CA ILE A 26 32.98 13.87 -1.84
C ILE A 26 32.97 12.37 -1.62
N VAL A 27 32.26 11.93 -0.59
CA VAL A 27 32.19 10.51 -0.22
C VAL A 27 30.74 10.09 -0.38
N GLU A 28 30.44 9.38 -1.46
CA GLU A 28 29.09 8.89 -1.69
C GLU A 28 28.72 7.83 -0.67
N ASN A 29 27.41 7.59 -0.52
CA ASN A 29 26.92 6.68 0.51
C ASN A 29 27.22 5.21 0.21
N SER A 30 27.80 4.89 -0.94
CA SER A 30 28.21 3.53 -1.25
C SER A 30 29.62 3.22 -0.76
N VAL A 31 30.40 4.24 -0.41
CA VAL A 31 31.78 4.04 0.04
C VAL A 31 31.77 3.62 1.50
N THR A 32 32.45 2.51 1.80
CA THR A 32 32.52 1.98 3.15
C THR A 32 33.91 2.00 3.75
N SER A 33 34.95 2.31 2.97
CA SER A 33 36.30 2.39 3.49
C SER A 33 37.09 3.41 2.69
N ILE A 34 37.95 4.15 3.38
CA ILE A 34 38.79 5.18 2.77
C ILE A 34 40.23 4.93 3.18
N LEU A 35 41.14 4.96 2.20
CA LEU A 35 42.56 4.77 2.43
C LEU A 35 43.30 6.06 2.08
N PHE A 36 44.03 6.60 3.05
CA PHE A 36 44.80 7.81 2.84
C PHE A 36 46.22 7.46 2.42
N LYS A 37 46.71 8.10 1.36
CA LYS A 37 48.06 7.90 0.87
C LYS A 37 48.83 9.21 1.06
N VAL A 38 49.58 9.30 2.15
CA VAL A 38 50.34 10.50 2.47
C VAL A 38 51.55 10.58 1.55
N SER A 39 51.74 11.75 0.92
CA SER A 39 52.79 11.92 -0.09
C SER A 39 54.19 11.78 0.49
N ASP A 40 54.39 12.07 1.77
CA ASP A 40 55.71 12.00 2.40
C ASP A 40 55.95 10.58 2.88
N THR A 41 56.76 9.82 2.14
CA THR A 41 57.10 8.45 2.50
C THR A 41 58.36 8.37 3.36
N THR A 42 58.96 9.50 3.72
CA THR A 42 60.19 9.49 4.50
C THR A 42 59.93 9.33 5.99
N THR A 43 58.74 9.68 6.48
CA THR A 43 58.42 9.58 7.90
C THR A 43 56.99 9.09 8.06
N ARG A 44 56.67 8.65 9.28
CA ARG A 44 55.38 8.08 9.60
C ARG A 44 54.39 9.18 9.99
N TYR A 45 53.14 9.00 9.59
CA TYR A 45 52.08 9.95 9.90
C TYR A 45 50.91 9.25 10.57
N VAL A 46 50.19 9.99 11.40
CA VAL A 46 48.95 9.53 12.00
C VAL A 46 47.87 10.55 11.64
N TYR A 47 46.61 10.14 11.80
CA TYR A 47 45.50 11.03 11.53
C TYR A 47 44.42 10.85 12.58
N ASN A 48 43.71 11.95 12.87
CA ASN A 48 42.48 11.92 13.64
C ASN A 48 41.38 12.54 12.81
N ILE A 49 40.14 12.13 13.09
CA ILE A 49 38.98 12.57 12.34
C ILE A 49 37.92 13.10 13.31
N ARG A 50 37.45 14.32 13.05
CA ARG A 50 36.30 14.90 13.73
C ARG A 50 35.25 15.26 12.70
N MET A 51 33.99 15.29 13.11
CA MET A 51 32.91 15.51 12.16
C MET A 51 31.83 16.40 12.76
N GLY A 52 31.11 17.07 11.86
CA GLY A 52 29.93 17.82 12.22
C GLY A 52 28.85 17.59 11.21
N GLU A 53 27.60 17.61 11.68
CA GLU A 53 26.48 17.18 10.86
C GLU A 53 26.19 18.16 9.73
N MET A 54 25.84 17.63 8.56
CA MET A 54 25.30 18.45 7.49
C MET A 54 23.93 18.98 7.88
N ARG A 55 23.61 20.19 7.41
CA ARG A 55 22.32 20.79 7.69
C ARG A 55 21.55 21.24 6.46
N ASN A 56 22.23 21.53 5.35
CA ASN A 56 21.55 21.83 4.09
C ASN A 56 22.23 21.07 2.96
N GLU A 57 21.49 20.97 1.85
CA GLU A 57 21.95 20.14 0.73
C GLU A 57 23.18 20.72 0.05
N SER A 58 23.38 22.03 0.12
CA SER A 58 24.54 22.64 -0.52
C SER A 58 25.85 22.22 0.14
N GLU A 59 25.81 21.69 1.36
CA GLU A 59 27.02 21.20 1.99
C GLU A 59 27.51 19.89 1.38
N THR A 60 26.72 19.26 0.51
CA THR A 60 27.15 18.07 -0.21
C THR A 60 28.12 18.38 -1.35
N THR A 61 28.55 19.64 -1.47
CA THR A 61 29.50 20.07 -2.48
C THR A 61 30.56 20.95 -1.83
N PRO A 62 31.78 20.96 -2.38
CA PRO A 62 32.85 21.73 -1.72
C PRO A 62 32.59 23.22 -1.62
N GLU A 63 32.01 23.84 -2.66
CA GLU A 63 31.79 25.28 -2.61
C GLU A 63 30.78 25.66 -1.53
N GLY A 64 29.90 24.75 -1.16
CA GLY A 64 29.03 24.98 -0.01
C GLY A 64 29.76 25.05 1.31
N LEU A 65 31.05 24.71 1.33
CA LEU A 65 31.89 24.78 2.53
C LEU A 65 32.89 25.92 2.46
N LYS A 66 32.67 26.90 1.58
CA LYS A 66 33.66 27.96 1.37
C LYS A 66 33.79 28.86 2.60
N ASN A 67 32.67 29.37 3.10
CA ASN A 67 32.67 30.33 4.20
C ASN A 67 32.33 29.65 5.52
N LEU A 68 33.04 28.56 5.85
CA LEU A 68 32.74 27.76 7.01
C LEU A 68 34.02 27.47 7.78
N ASN A 69 33.99 27.68 9.08
CA ASN A 69 35.14 27.40 9.95
C ASN A 69 35.00 25.97 10.46
N LEU A 70 35.62 25.03 9.74
CA LEU A 70 35.40 23.61 10.01
C LEU A 70 35.92 23.20 11.38
N LYS A 71 37.01 23.81 11.85
CA LYS A 71 37.50 23.49 13.19
C LYS A 71 36.50 23.91 14.27
N LYS A 72 35.58 24.82 13.94
CA LYS A 72 34.55 25.24 14.88
C LYS A 72 33.27 24.43 14.75
N GLU A 73 32.98 23.88 13.57
CA GLU A 73 31.77 23.08 13.38
C GLU A 73 32.03 21.60 13.59
N CYS A 74 33.05 21.04 12.92
CA CYS A 74 33.37 19.64 13.08
C CYS A 74 33.93 19.45 14.49
N ASP A 75 33.08 19.03 15.41
CA ASP A 75 33.42 18.94 16.82
C ASP A 75 33.33 17.52 17.36
N LEU A 76 32.35 16.74 16.88
CA LEU A 76 32.22 15.36 17.32
C LEU A 76 33.39 14.54 16.80
N SER A 77 33.99 13.73 17.68
CA SER A 77 35.16 12.94 17.34
C SER A 77 34.75 11.63 16.68
N VAL A 78 35.55 11.19 15.72
CA VAL A 78 35.32 9.95 14.98
C VAL A 78 36.47 8.97 15.17
N LYS A 79 37.70 9.44 14.96
CA LYS A 79 38.90 8.60 15.09
C LYS A 79 40.02 9.43 15.68
N ILE A 80 40.93 8.76 16.38
CA ILE A 80 42.03 9.42 17.09
C ILE A 80 43.28 8.58 16.95
N ARG A 81 44.43 9.27 16.82
CA ARG A 81 45.76 8.67 16.68
C ARG A 81 45.73 7.37 15.89
N THR A 82 45.32 7.44 14.63
CA THR A 82 45.25 6.27 13.77
C THR A 82 46.35 6.37 12.72
N GLU A 83 47.14 5.30 12.61
CA GLU A 83 48.25 5.26 11.68
C GLU A 83 47.74 5.43 10.25
N ALA A 84 48.44 6.27 9.47
CA ALA A 84 47.96 6.69 8.15
C ALA A 84 47.91 5.56 7.13
N ASP A 85 48.47 4.39 7.45
CA ASP A 85 48.35 3.24 6.57
C ASP A 85 47.10 2.42 6.84
N GLN A 86 46.35 2.73 7.89
CA GLN A 86 45.14 2.01 8.23
C GLN A 86 43.93 2.68 7.57
N ALA A 87 43.04 1.86 7.03
CA ALA A 87 41.87 2.38 6.35
C ALA A 87 40.84 2.90 7.34
N PHE A 88 40.08 3.91 6.91
CA PHE A 88 38.98 4.47 7.68
C PHE A 88 37.68 3.86 7.17
N VAL A 89 37.03 3.07 8.01
CA VAL A 89 35.83 2.32 7.62
C VAL A 89 34.60 3.16 7.91
N LEU A 90 33.70 3.24 6.93
CA LEU A 90 32.52 4.07 7.01
C LEU A 90 31.27 3.20 7.14
N SER A 91 30.35 3.61 8.00
CA SER A 91 29.09 2.89 8.19
C SER A 91 27.97 3.91 8.31
N GLU A 92 26.79 3.44 8.70
CA GLU A 92 25.59 4.28 8.68
C GLU A 92 25.70 5.48 9.61
N LYS A 93 26.40 5.33 10.74
CA LYS A 93 26.50 6.41 11.71
C LYS A 93 27.32 7.59 11.20
N HIS A 94 28.00 7.45 10.07
CA HIS A 94 28.82 8.53 9.53
C HIS A 94 28.15 9.33 8.42
N ARG A 95 27.09 8.79 7.82
CA ARG A 95 26.49 9.43 6.66
C ARG A 95 25.85 10.78 7.03
N GLY A 96 26.00 11.74 6.13
CA GLY A 96 25.46 13.07 6.37
C GLY A 96 26.33 13.95 7.23
N ASN A 97 27.65 13.86 7.08
CA ASN A 97 28.57 14.55 7.97
C ASN A 97 29.73 15.16 7.18
N ILE A 98 30.17 16.32 7.65
CA ILE A 98 31.39 16.96 7.15
C ILE A 98 32.52 16.60 8.11
N MET A 99 33.55 15.94 7.59
CA MET A 99 34.64 15.44 8.42
C MET A 99 35.93 16.18 8.12
N LEU A 100 36.60 16.64 9.17
CA LEU A 100 37.94 17.19 9.07
C LEU A 100 38.93 16.12 9.50
N VAL A 101 39.79 15.70 8.57
CA VAL A 101 40.84 14.73 8.85
C VAL A 101 42.15 15.51 8.93
N GLU A 102 42.86 15.37 10.05
CA GLU A 102 44.10 16.08 10.29
C GLU A 102 45.24 15.07 10.43
N PHE A 103 46.33 15.32 9.73
CA PHE A 103 47.49 14.42 9.71
C PHE A 103 48.63 15.03 10.50
N PHE A 104 49.28 14.20 11.31
CA PHE A 104 50.37 14.63 12.20
C PHE A 104 51.59 13.75 12.00
N LYS A 105 52.75 14.36 12.11
CA LYS A 105 54.02 13.64 12.20
C LYS A 105 54.64 13.89 13.58
N TYR A 106 55.62 13.07 13.92
CA TYR A 106 56.31 13.19 15.20
C TYR A 106 57.65 13.89 14.99
N GLU A 107 57.83 15.04 15.66
CA GLU A 107 59.09 15.77 15.67
C GLU A 107 59.20 16.40 17.06
N GLY A 108 59.66 15.59 18.02
CA GLY A 108 59.62 15.99 19.41
C GLY A 108 58.23 15.81 19.99
N ILE A 109 57.25 16.44 19.36
CA ILE A 109 55.84 16.32 19.74
C ILE A 109 55.05 16.12 18.45
N PRO A 110 53.76 15.77 18.52
CA PRO A 110 52.96 15.74 17.29
C PRO A 110 52.92 17.11 16.62
N VAL A 111 53.01 17.10 15.28
CA VAL A 111 53.07 18.32 14.50
C VAL A 111 52.06 18.22 13.36
N LEU A 112 51.10 19.14 13.33
CA LEU A 112 50.11 19.17 12.27
C LEU A 112 50.77 19.52 10.94
N CYS A 113 50.59 18.66 9.94
CA CYS A 113 51.26 18.82 8.65
C CYS A 113 50.30 18.97 7.48
N ALA A 114 49.13 18.35 7.51
CA ALA A 114 48.19 18.43 6.41
C ALA A 114 46.80 18.14 6.93
N SER A 115 45.81 18.36 6.06
CA SER A 115 44.42 18.10 6.40
C SER A 115 43.61 17.97 5.12
N CYS A 116 42.45 17.34 5.24
CA CYS A 116 41.52 17.23 4.11
C CYS A 116 40.11 17.08 4.67
N VAL A 117 39.14 17.41 3.83
CA VAL A 117 37.73 17.43 4.21
C VAL A 117 37.01 16.30 3.49
N LEU A 118 36.26 15.50 4.24
CA LEU A 118 35.42 14.45 3.68
C LEU A 118 33.97 14.92 3.70
N ILE A 119 33.34 14.97 2.52
CA ILE A 119 31.94 15.34 2.39
C ILE A 119 31.17 14.02 2.35
N VAL A 120 30.83 13.51 3.53
CA VAL A 120 30.18 12.21 3.66
C VAL A 120 28.69 12.40 3.43
N LYS A 121 28.23 12.11 2.21
CA LYS A 121 26.85 12.37 1.83
C LYS A 121 25.89 11.49 2.64
N PRO A 122 24.65 11.95 2.82
CA PRO A 122 23.71 11.19 3.65
C PRO A 122 23.34 9.85 3.02
N SER A 123 22.77 8.99 3.86
CA SER A 123 22.44 7.63 3.46
C SER A 123 21.24 7.63 2.50
N ASP A 124 21.11 6.52 1.78
CA ASP A 124 19.95 6.33 0.91
C ASP A 124 18.68 6.22 1.76
N LEU A 125 17.61 6.85 1.29
CA LEU A 125 16.38 6.88 2.05
C LEU A 125 15.67 5.53 2.01
N LYS A 126 15.18 5.10 3.16
CA LYS A 126 14.50 3.82 3.31
C LYS A 126 13.19 4.06 4.07
N ILE A 127 12.13 3.42 3.60
CA ILE A 127 10.80 3.59 4.19
C ILE A 127 10.76 2.85 5.51
N THR A 128 10.44 3.56 6.59
CA THR A 128 10.31 2.95 7.90
C THR A 128 8.87 2.78 8.36
N GLN A 129 7.92 3.54 7.80
CA GLN A 129 6.54 3.46 8.26
C GLN A 129 5.62 4.16 7.29
N VAL A 130 4.35 3.75 7.31
CA VAL A 130 3.26 4.40 6.59
C VAL A 130 2.20 4.78 7.60
N ILE A 131 1.74 6.02 7.55
CA ILE A 131 0.77 6.55 8.51
C ILE A 131 -0.52 6.90 7.77
N PHE A 132 -1.64 6.41 8.30
CA PHE A 132 -2.95 6.73 7.76
C PHE A 132 -3.45 8.02 8.39
N LYS A 133 -3.95 8.92 7.54
CA LYS A 133 -4.55 10.18 7.98
C LYS A 133 -5.97 10.26 7.41
N ASP A 134 -6.93 10.64 8.25
CA ASP A 134 -8.33 10.66 7.84
C ASP A 134 -8.64 11.92 7.05
N SER A 135 -9.94 12.18 6.84
CA SER A 135 -10.36 13.25 5.94
C SER A 135 -9.93 14.63 6.41
N THR A 136 -9.61 14.79 7.70
CA THR A 136 -9.20 16.08 8.23
C THR A 136 -7.70 16.17 8.49
N GLY A 137 -6.92 15.20 8.03
CA GLY A 137 -5.49 15.19 8.27
C GLY A 137 -5.07 14.60 9.59
N LYS A 138 -6.01 14.15 10.42
CA LYS A 138 -5.68 13.56 11.71
C LYS A 138 -5.17 12.14 11.54
N GLU A 139 -4.04 11.84 12.17
CA GLU A 139 -3.51 10.49 12.13
C GLU A 139 -4.44 9.53 12.87
N VAL A 140 -4.69 8.38 12.25
CA VAL A 140 -5.75 7.49 12.71
C VAL A 140 -5.19 6.45 13.68
N GLY A 141 -4.30 5.59 13.19
CA GLY A 141 -3.74 4.56 14.04
C GLY A 141 -2.26 4.33 13.80
N CYS A 142 -1.76 3.16 14.18
CA CYS A 142 -0.37 2.79 13.94
C CYS A 142 -0.25 1.63 12.96
N GLY A 143 -1.31 1.32 12.21
CA GLY A 143 -1.28 0.23 11.27
C GLY A 143 -2.52 0.11 10.40
N SER A 144 -3.04 -1.12 10.29
CA SER A 144 -4.20 -1.38 9.46
C SER A 144 -5.41 -0.59 9.96
N VAL A 145 -6.31 -0.27 9.02
CA VAL A 145 -7.51 0.51 9.33
C VAL A 145 -8.70 -0.10 8.61
N GLN A 146 -9.89 0.20 9.14
CA GLN A 146 -11.14 0.03 8.43
C GLN A 146 -11.71 1.41 8.13
N TYR A 147 -12.04 1.66 6.87
CA TYR A 147 -12.36 3.00 6.41
C TYR A 147 -13.55 2.98 5.48
N GLU A 148 -14.28 4.09 5.42
CA GLU A 148 -15.46 4.19 4.58
C GLU A 148 -15.09 4.54 3.15
N ALA A 149 -15.89 4.04 2.22
CA ALA A 149 -15.73 4.42 0.82
C ALA A 149 -16.22 5.85 0.61
N ASN A 150 -15.85 6.41 -0.55
CA ASN A 150 -16.21 7.78 -0.92
C ASN A 150 -15.76 8.80 0.14
N LEU A 151 -14.68 8.49 0.85
CA LEU A 151 -14.15 9.37 1.90
C LEU A 151 -12.67 9.54 1.66
N LYS A 152 -12.24 10.79 1.48
CA LYS A 152 -10.85 11.08 1.20
C LYS A 152 -9.96 10.69 2.39
N PHE A 153 -8.71 10.36 2.09
CA PHE A 153 -7.72 10.03 3.10
C PHE A 153 -6.34 10.28 2.51
N ALA A 154 -5.31 10.08 3.32
CA ALA A 154 -3.94 10.23 2.85
C ALA A 154 -3.04 9.28 3.62
N LEU A 155 -1.97 8.85 2.95
CA LEU A 155 -0.98 7.95 3.53
C LEU A 155 0.36 8.66 3.51
N ARG A 156 0.93 8.88 4.69
CA ARG A 156 2.20 9.58 4.85
C ARG A 156 3.30 8.54 5.02
N VAL A 157 4.27 8.55 4.11
CA VAL A 157 5.42 7.65 4.18
C VAL A 157 6.53 8.34 4.96
N LYS A 158 7.08 7.64 5.95
CA LYS A 158 8.16 8.17 6.79
C LYS A 158 9.45 7.42 6.50
N TYR A 159 10.54 8.17 6.37
CA TYR A 159 11.83 7.61 5.99
C TYR A 159 12.73 7.41 7.21
N ASN A 160 13.90 6.81 6.97
CA ASN A 160 14.84 6.50 8.03
C ASN A 160 15.53 7.74 8.59
N ARG A 161 15.50 8.84 7.86
CA ARG A 161 16.19 10.06 8.27
C ARG A 161 15.43 11.25 7.72
N PRO A 162 15.55 12.42 8.35
CA PRO A 162 14.96 13.62 7.76
C PRO A 162 15.74 14.06 6.54
N LEU A 163 15.05 14.75 5.65
CA LEU A 163 15.71 15.32 4.48
C LEU A 163 16.55 16.53 4.89
N LEU A 164 17.65 16.73 4.17
CA LEU A 164 18.43 17.94 4.35
C LEU A 164 17.68 19.14 3.78
N ARG A 165 17.95 20.31 4.33
CA ARG A 165 17.37 21.54 3.79
C ARG A 165 17.82 21.71 2.35
N GLY A 166 16.85 21.82 1.44
CA GLY A 166 17.13 21.91 0.03
C GLY A 166 17.25 20.58 -0.68
N GLU A 167 17.10 19.46 0.03
CA GLU A 167 17.15 18.16 -0.59
C GLU A 167 15.78 17.79 -1.15
N LYS A 168 15.75 17.41 -2.43
CA LYS A 168 14.50 17.03 -3.06
C LYS A 168 14.00 15.70 -2.52
N ALA A 169 12.67 15.55 -2.50
CA ALA A 169 12.08 14.29 -2.07
C ALA A 169 12.46 13.19 -3.06
N PRO A 170 12.64 11.96 -2.57
CA PRO A 170 13.03 10.86 -3.48
C PRO A 170 11.86 10.45 -4.37
N LYS A 171 12.18 9.62 -5.36
CA LYS A 171 11.17 9.08 -6.26
C LYS A 171 10.37 8.01 -5.53
N LEU A 172 9.21 8.40 -4.99
CA LEU A 172 8.37 7.48 -4.22
C LEU A 172 7.32 6.90 -5.15
N LYS A 173 7.29 5.57 -5.23
CA LYS A 173 6.31 4.86 -6.04
C LYS A 173 5.38 4.05 -5.14
N CYS A 174 4.23 3.69 -5.71
CA CYS A 174 3.22 2.94 -4.97
C CYS A 174 2.54 1.96 -5.91
N LYS A 175 2.27 0.76 -5.38
CA LYS A 175 1.48 -0.24 -6.07
C LYS A 175 0.23 -0.49 -5.26
N GLY A 176 -0.94 -0.31 -5.89
CA GLY A 176 -2.22 -0.50 -5.24
C GLY A 176 -2.76 -1.88 -5.53
N TYR A 177 -3.26 -2.54 -4.48
CA TYR A 177 -3.80 -3.88 -4.59
C TYR A 177 -5.19 -3.93 -4.01
N CYS A 178 -6.02 -4.79 -4.59
CA CYS A 178 -7.37 -5.07 -4.08
C CYS A 178 -7.61 -6.56 -4.17
N THR A 179 -8.42 -7.08 -3.25
CA THR A 179 -8.74 -8.49 -3.25
C THR A 179 -9.67 -8.82 -4.42
N ASN A 180 -9.35 -9.89 -5.14
CA ASN A 180 -10.21 -10.33 -6.22
C ASN A 180 -11.52 -10.88 -5.64
N ALA A 181 -12.64 -10.45 -6.21
CA ALA A 181 -13.94 -10.83 -5.67
C ALA A 181 -14.16 -12.33 -5.70
N VAL A 182 -13.61 -13.02 -6.71
CA VAL A 182 -13.83 -14.46 -6.84
C VAL A 182 -12.85 -15.24 -5.97
N THR A 183 -11.55 -15.02 -6.18
CA THR A 183 -10.52 -15.82 -5.53
C THR A 183 -10.11 -15.30 -4.16
N GLY A 184 -10.46 -14.06 -3.82
CA GLY A 184 -10.02 -13.49 -2.56
C GLY A 184 -8.55 -13.17 -2.48
N GLU A 185 -7.82 -13.29 -3.59
CA GLU A 185 -6.39 -13.01 -3.62
C GLU A 185 -6.14 -11.56 -4.02
N TYR A 186 -5.01 -11.02 -3.56
CA TYR A 186 -4.65 -9.64 -3.89
C TYR A 186 -4.26 -9.54 -5.36
N GLU A 187 -4.86 -8.56 -6.06
CA GLU A 187 -4.54 -8.28 -7.45
C GLU A 187 -4.16 -6.82 -7.58
N GLU A 188 -3.14 -6.54 -8.41
CA GLU A 188 -2.67 -5.18 -8.57
C GLU A 188 -3.63 -4.39 -9.45
N ILE A 189 -4.06 -3.23 -8.96
CA ILE A 189 -4.99 -2.37 -9.67
C ILE A 189 -4.43 -0.99 -9.96
N SER A 190 -3.23 -0.68 -9.49
CA SER A 190 -2.66 0.64 -9.72
C SER A 190 -1.15 0.60 -9.52
N LYS A 191 -0.47 1.48 -10.24
CA LYS A 191 0.97 1.68 -10.09
C LYS A 191 1.24 3.13 -10.43
N PHE A 192 1.67 3.92 -9.44
CA PHE A 192 1.79 5.35 -9.65
C PHE A 192 2.95 5.89 -8.84
N ARG A 193 3.32 7.13 -9.16
CA ARG A 193 4.30 7.89 -8.43
C ARG A 193 3.59 8.82 -7.45
N VAL A 194 4.08 8.86 -6.22
CA VAL A 194 3.48 9.73 -5.20
C VAL A 194 3.84 11.17 -5.52
N ASP A 195 2.93 11.86 -6.23
CA ASP A 195 3.20 13.19 -6.76
C ASP A 195 2.12 14.16 -6.30
N GLU A 196 2.50 15.44 -6.28
CA GLU A 196 1.56 16.55 -6.17
C GLU A 196 2.12 17.72 -6.94
N ASN A 197 1.30 18.31 -7.81
CA ASN A 197 1.71 19.46 -8.64
C ASN A 197 2.95 19.13 -9.46
N GLY A 198 3.04 17.89 -9.93
CA GLY A 198 4.10 17.47 -10.82
C GLY A 198 5.42 17.13 -10.15
N ALA A 199 5.52 17.23 -8.83
CA ALA A 199 6.75 16.94 -8.12
C ALA A 199 6.53 15.78 -7.15
N TYR A 200 7.60 15.05 -6.87
CA TYR A 200 7.55 13.97 -5.90
C TYR A 200 7.28 14.50 -4.50
N THR A 201 6.54 13.73 -3.71
CA THR A 201 6.24 14.08 -2.33
C THR A 201 6.23 12.81 -1.51
N ASP A 202 5.97 12.96 -0.21
CA ASP A 202 5.98 11.85 0.73
C ASP A 202 4.59 11.41 1.17
N THR A 203 3.54 11.98 0.58
CA THR A 203 2.17 11.72 1.01
C THR A 203 1.30 11.44 -0.21
N PHE A 204 0.68 10.25 -0.24
CA PHE A 204 -0.30 9.91 -1.25
C PHE A 204 -1.67 10.36 -0.78
N TYR A 205 -2.26 11.33 -1.48
CA TYR A 205 -3.58 11.84 -1.16
C TYR A 205 -4.61 11.14 -2.04
N CYS A 206 -5.55 10.44 -1.40
CA CYS A 206 -6.68 9.83 -2.09
C CYS A 206 -7.83 10.80 -2.00
N ASP A 207 -7.97 11.65 -3.02
CA ASP A 207 -8.88 12.78 -2.93
C ASP A 207 -10.34 12.37 -3.06
N ASP A 208 -10.62 11.29 -3.78
CA ASP A 208 -11.99 10.83 -3.98
C ASP A 208 -12.36 9.63 -3.12
N GLY A 209 -11.41 9.08 -2.36
CA GLY A 209 -11.67 7.87 -1.61
C GLY A 209 -11.69 6.66 -2.51
N LEU A 210 -12.22 5.57 -1.97
CA LEU A 210 -12.32 4.31 -2.71
C LEU A 210 -13.77 4.04 -3.08
N GLN A 211 -13.95 3.12 -4.04
CA GLN A 211 -15.25 2.92 -4.66
C GLN A 211 -16.23 2.26 -3.69
N GLU A 212 -17.45 2.80 -3.63
CA GLU A 212 -18.49 2.18 -2.81
C GLU A 212 -18.86 0.80 -3.33
N SER A 213 -18.73 0.59 -4.64
CA SER A 213 -19.03 -0.72 -5.20
C SER A 213 -18.12 -1.81 -4.64
N HIS A 214 -16.92 -1.42 -4.17
CA HIS A 214 -15.97 -2.35 -3.60
C HIS A 214 -16.02 -2.39 -2.07
N ALA A 215 -17.06 -1.82 -1.47
CA ALA A 215 -17.19 -1.88 -0.02
C ALA A 215 -17.24 -3.33 0.44
N GLY A 216 -16.34 -3.69 1.34
CA GLY A 216 -16.13 -5.06 1.76
C GLY A 216 -14.82 -5.65 1.30
N ALA A 217 -14.17 -5.03 0.32
CA ALA A 217 -12.88 -5.50 -0.17
C ALA A 217 -11.77 -5.11 0.79
N ASP A 218 -10.61 -5.73 0.58
CA ASP A 218 -9.40 -5.39 1.32
C ASP A 218 -8.37 -4.82 0.35
N TYR A 219 -7.83 -3.65 0.68
CA TYR A 219 -6.85 -2.96 -0.15
C TYR A 219 -5.48 -3.00 0.53
N VAL A 220 -4.44 -2.97 -0.30
CA VAL A 220 -3.07 -2.78 0.18
C VAL A 220 -2.38 -1.79 -0.74
N PHE A 221 -1.80 -0.75 -0.16
CA PHE A 221 -0.96 0.19 -0.88
C PHE A 221 0.48 -0.03 -0.44
N SER A 222 1.33 -0.45 -1.38
CA SER A 222 2.71 -0.81 -1.10
C SER A 222 3.65 0.23 -1.72
N PHE A 223 4.47 0.85 -0.89
CA PHE A 223 5.35 1.94 -1.31
C PHE A 223 6.80 1.49 -1.37
N GLY A 224 7.60 2.24 -2.13
CA GLY A 224 9.01 1.95 -2.24
C GLY A 224 9.79 2.97 -3.05
N ILE A 225 11.02 3.25 -2.62
CA ILE A 225 11.94 4.03 -3.45
C ILE A 225 12.59 3.13 -4.50
N ASN A 226 12.70 1.84 -4.20
CA ASN A 226 12.88 0.82 -5.22
C ASN A 226 11.55 0.11 -5.44
N ASN A 227 11.56 -0.96 -6.21
CA ASN A 227 10.34 -1.68 -6.57
C ASN A 227 9.55 -2.05 -5.32
N PRO A 228 8.31 -1.59 -5.18
CA PRO A 228 7.53 -1.91 -3.98
C PRO A 228 7.25 -3.40 -3.88
N TYR A 229 7.15 -3.88 -2.64
CA TYR A 229 6.85 -5.28 -2.40
C TYR A 229 5.48 -5.64 -2.93
N GLY A 230 5.36 -6.86 -3.46
CA GLY A 230 4.08 -7.39 -3.86
C GLY A 230 3.57 -8.36 -2.81
N PRO A 231 2.45 -9.02 -3.09
CA PRO A 231 1.95 -10.06 -2.18
C PRO A 231 3.00 -11.14 -2.01
N PRO A 232 3.20 -11.65 -0.78
CA PRO A 232 2.42 -11.44 0.45
C PRO A 232 2.82 -10.24 1.31
N PHE A 233 3.66 -9.32 0.82
CA PHE A 233 4.03 -8.11 1.56
C PHE A 233 4.74 -8.42 2.87
N MET A 234 5.66 -9.37 2.82
CA MET A 234 6.34 -9.85 4.01
C MET A 234 7.85 -9.74 3.81
N ILE A 235 8.56 -9.40 4.88
CA ILE A 235 10.01 -9.25 4.80
C ILE A 235 10.63 -10.56 4.36
N GLU A 236 11.68 -10.47 3.54
CA GLU A 236 12.33 -11.65 3.00
C GLU A 236 12.81 -12.58 4.12
N ASP A 237 12.54 -13.87 3.95
CA ASP A 237 12.90 -14.90 4.94
C ASP A 237 12.26 -14.62 6.30
N THR A 238 11.00 -14.16 6.28
CA THR A 238 10.41 -13.63 7.50
C THR A 238 8.89 -13.60 7.33
N ASN A 239 8.16 -13.87 8.42
CA ASN A 239 6.70 -13.83 8.40
C ASN A 239 6.15 -12.55 9.03
N VAL A 240 6.88 -11.46 8.93
CA VAL A 240 6.47 -10.17 9.50
C VAL A 240 6.21 -9.20 8.36
N PRO A 241 5.09 -8.49 8.36
CA PRO A 241 4.79 -7.56 7.26
C PRO A 241 5.86 -6.49 7.11
N VAL A 242 6.08 -6.09 5.85
CA VAL A 242 7.00 -5.00 5.55
C VAL A 242 6.42 -3.71 6.14
N PRO A 243 7.24 -2.78 6.61
CA PRO A 243 6.71 -1.52 7.14
C PRO A 243 6.30 -0.51 6.07
N SER A 244 6.33 -0.90 4.79
CA SER A 244 6.07 0.02 3.69
C SER A 244 4.70 -0.21 3.06
N ILE A 245 3.75 -0.78 3.79
CA ILE A 245 2.43 -1.03 3.26
C ILE A 245 1.37 -0.43 4.18
N GLN A 246 0.19 -0.21 3.62
CA GLN A 246 -1.00 0.19 4.37
C GLN A 246 -2.14 -0.73 3.98
N LYS A 247 -2.72 -1.41 4.97
CA LYS A 247 -3.87 -2.27 4.75
C LYS A 247 -5.14 -1.52 5.11
N ILE A 248 -6.15 -1.63 4.24
CA ILE A 248 -7.44 -0.97 4.44
C ILE A 248 -8.53 -1.99 4.16
N HIS A 249 -9.43 -2.17 5.13
CA HIS A 249 -10.68 -2.86 4.90
C HIS A 249 -11.75 -1.82 4.61
N LEU A 250 -12.33 -1.87 3.43
CA LEU A 250 -13.30 -0.86 3.01
C LEU A 250 -14.71 -1.25 3.45
N ILE A 251 -15.43 -0.27 3.97
CA ILE A 251 -16.85 -0.44 4.32
C ILE A 251 -17.64 0.65 3.63
N GLY A 252 -18.95 0.44 3.56
CA GLY A 252 -19.82 1.42 2.94
C GLY A 252 -19.92 2.69 3.77
N ARG A 253 -20.14 3.81 3.08
CA ARG A 253 -20.26 5.09 3.75
C ARG A 253 -21.65 5.22 4.35
N ASN A 254 -21.71 5.59 5.64
CA ASN A 254 -22.94 5.69 6.43
C ASN A 254 -23.60 4.33 6.65
N LEU A 255 -23.02 3.27 6.09
CA LEU A 255 -23.59 1.93 6.23
C LEU A 255 -23.24 1.37 7.60
N LYS A 256 -24.27 1.06 8.39
CA LYS A 256 -24.04 0.53 9.73
C LYS A 256 -23.63 -0.94 9.71
N LYS A 257 -24.12 -1.70 8.73
CA LYS A 257 -23.74 -3.11 8.60
C LYS A 257 -23.95 -3.53 7.15
N PRO A 258 -23.12 -4.43 6.64
CA PRO A 258 -23.35 -4.94 5.27
C PRO A 258 -24.67 -5.69 5.19
N GLN A 259 -25.32 -5.60 4.04
CA GLN A 259 -26.64 -6.20 3.87
C GLN A 259 -26.97 -6.32 2.39
N ILE A 260 -27.90 -7.22 2.10
CA ILE A 260 -28.50 -7.32 0.78
C ILE A 260 -29.62 -6.27 0.70
N THR A 261 -29.64 -5.51 -0.39
CA THR A 261 -30.58 -4.39 -0.50
C THR A 261 -31.75 -4.68 -1.42
N SER A 262 -31.57 -5.51 -2.45
CA SER A 262 -32.68 -5.85 -3.33
C SER A 262 -32.37 -7.16 -4.04
N VAL A 263 -33.43 -7.93 -4.32
CA VAL A 263 -33.34 -9.19 -5.02
C VAL A 263 -34.45 -9.19 -6.07
N ILE A 264 -34.07 -9.14 -7.35
CA ILE A 264 -34.99 -8.79 -8.43
C ILE A 264 -34.89 -9.81 -9.54
N TRP A 265 -36.03 -10.20 -10.10
CA TRP A 265 -36.09 -10.95 -11.35
C TRP A 265 -36.02 -9.96 -12.51
N SER A 266 -34.89 -9.95 -13.21
CA SER A 266 -34.65 -8.96 -14.28
C SER A 266 -34.94 -9.47 -15.70
N SER A 267 -35.39 -8.56 -16.57
CA SER A 267 -35.63 -8.89 -18.00
C SER A 267 -34.31 -8.86 -18.77
N LYS A 268 -33.23 -8.41 -18.11
CA LYS A 268 -31.89 -8.36 -18.74
C LYS A 268 -30.88 -9.06 -17.82
N GLU A 269 -29.99 -9.87 -18.38
CA GLU A 269 -28.97 -10.60 -17.59
C GLU A 269 -27.97 -9.62 -16.99
N MET A 270 -27.64 -8.56 -17.71
CA MET A 270 -26.58 -7.63 -17.27
C MET A 270 -26.98 -6.90 -15.99
N ILE A 271 -26.06 -6.87 -15.02
CA ILE A 271 -26.30 -6.10 -13.77
C ILE A 271 -25.14 -5.13 -13.58
N LYS A 272 -25.42 -4.00 -12.96
CA LYS A 272 -24.40 -3.01 -12.65
C LYS A 272 -24.74 -2.34 -11.32
N PHE A 273 -23.70 -2.05 -10.55
CA PHE A 273 -23.89 -1.45 -9.22
C PHE A 273 -24.49 -0.06 -9.34
N GLY A 274 -25.48 0.21 -8.49
CA GLY A 274 -26.14 1.50 -8.49
C GLY A 274 -27.11 1.74 -9.62
N GLU A 275 -27.48 0.70 -10.36
CA GLU A 275 -28.40 0.83 -11.49
C GLU A 275 -29.50 -0.22 -11.36
N ASP A 276 -30.71 0.15 -11.76
CA ASP A 276 -31.86 -0.72 -11.67
C ASP A 276 -32.33 -1.10 -13.08
N SER A 277 -32.69 -2.37 -13.24
CA SER A 277 -33.21 -2.91 -14.49
C SER A 277 -34.71 -3.15 -14.39
N PRO A 278 -35.42 -3.15 -15.51
CA PRO A 278 -36.85 -3.48 -15.47
C PRO A 278 -37.06 -4.92 -15.02
N ARG A 279 -38.10 -5.12 -14.21
CA ARG A 279 -38.36 -6.43 -13.64
C ARG A 279 -39.17 -7.28 -14.61
N ARG A 280 -38.88 -8.58 -14.64
CA ARG A 280 -39.65 -9.54 -15.39
C ARG A 280 -40.76 -10.09 -14.49
N LYS A 281 -41.99 -10.08 -15.00
CA LYS A 281 -43.15 -10.41 -14.19
C LYS A 281 -43.64 -11.84 -14.37
N SER A 282 -43.41 -12.44 -15.54
CA SER A 282 -43.84 -13.81 -15.80
C SER A 282 -42.74 -14.56 -16.54
N ILE A 283 -42.79 -15.88 -16.46
CA ILE A 283 -41.76 -16.73 -17.04
C ILE A 283 -42.35 -18.10 -17.27
N ASN A 284 -41.71 -18.87 -18.16
CA ASN A 284 -42.14 -20.22 -18.50
C ASN A 284 -41.13 -21.25 -18.02
N TYR A 285 -41.55 -22.52 -18.04
CA TYR A 285 -40.76 -23.58 -17.43
C TYR A 285 -39.41 -23.77 -18.11
N ASN A 286 -39.33 -23.51 -19.42
CA ASN A 286 -38.12 -23.80 -20.18
C ASN A 286 -37.12 -22.65 -20.16
N GLU A 287 -37.40 -21.57 -19.45
CA GLU A 287 -36.59 -20.36 -19.51
C GLU A 287 -35.78 -20.19 -18.22
N ASP A 288 -34.74 -19.36 -18.32
CA ASP A 288 -33.95 -18.97 -17.17
C ASP A 288 -34.46 -17.63 -16.63
N GLY A 289 -34.64 -17.57 -15.32
CA GLY A 289 -34.85 -16.29 -14.66
C GLY A 289 -33.52 -15.68 -14.28
N PHE A 290 -33.40 -14.37 -14.50
CA PHE A 290 -32.18 -13.63 -14.18
C PHE A 290 -32.37 -13.01 -12.81
N LEU A 291 -31.92 -13.72 -11.77
CA LEU A 291 -32.03 -13.23 -10.40
C LEU A 291 -30.90 -12.23 -10.15
N HIS A 292 -31.26 -10.97 -9.96
CA HIS A 292 -30.31 -9.90 -9.71
C HIS A 292 -30.26 -9.64 -8.21
N ILE A 293 -29.07 -9.73 -7.63
CA ILE A 293 -28.87 -9.49 -6.20
C ILE A 293 -28.06 -8.20 -6.06
N HIS A 294 -28.61 -7.23 -5.35
CA HIS A 294 -27.93 -6.00 -5.02
C HIS A 294 -27.65 -5.95 -3.53
N ALA A 295 -26.46 -5.48 -3.16
CA ALA A 295 -26.06 -5.42 -1.77
C ALA A 295 -25.19 -4.19 -1.56
N ARG A 296 -24.73 -4.01 -0.32
CA ARG A 296 -23.79 -2.95 0.02
C ARG A 296 -22.86 -3.44 1.11
N GLY A 297 -21.57 -3.21 0.92
CA GLY A 297 -20.58 -3.68 1.88
C GLY A 297 -20.31 -5.17 1.85
N MET A 298 -20.70 -5.86 0.77
CA MET A 298 -20.61 -7.30 0.69
C MET A 298 -19.76 -7.77 -0.50
N TYR A 299 -18.75 -6.98 -0.85
CA TYR A 299 -17.84 -7.37 -1.93
C TYR A 299 -17.20 -8.72 -1.64
N GLY A 300 -17.32 -9.64 -2.58
CA GLY A 300 -16.74 -10.96 -2.43
C GLY A 300 -17.50 -11.92 -1.53
N GLN A 301 -18.61 -11.48 -0.94
CA GLN A 301 -19.35 -12.34 -0.02
C GLN A 301 -20.10 -13.43 -0.77
N LYS A 302 -20.15 -14.62 -0.18
CA LYS A 302 -20.82 -15.76 -0.77
C LYS A 302 -22.19 -15.96 -0.13
N VAL A 303 -23.17 -16.35 -0.95
CA VAL A 303 -24.55 -16.52 -0.50
C VAL A 303 -25.12 -17.81 -1.05
N ARG A 304 -26.20 -18.28 -0.43
CA ARG A 304 -26.97 -19.41 -0.92
C ARG A 304 -28.34 -18.90 -1.37
N VAL A 305 -28.87 -19.51 -2.43
CA VAL A 305 -30.13 -19.09 -3.02
C VAL A 305 -31.12 -20.24 -2.92
N GLU A 306 -32.31 -19.94 -2.38
CA GLU A 306 -33.40 -20.89 -2.28
C GLU A 306 -34.62 -20.34 -3.00
N LEU A 307 -35.37 -21.27 -3.61
CA LEU A 307 -36.59 -20.89 -4.37
C LEU A 307 -37.83 -21.37 -3.61
N PHE A 308 -38.72 -20.45 -3.26
CA PHE A 308 -39.95 -20.76 -2.56
C PHE A 308 -41.15 -20.50 -3.46
N GLU A 309 -42.26 -21.17 -3.16
CA GLU A 309 -43.54 -20.91 -3.80
C GLU A 309 -44.53 -20.40 -2.76
N LYS A 310 -45.28 -19.37 -3.13
CA LYS A 310 -46.30 -18.79 -2.28
C LYS A 310 -47.68 -19.10 -2.83
N ASP A 311 -48.59 -19.52 -1.97
CA ASP A 311 -49.94 -19.83 -2.36
C ASP A 311 -50.88 -18.69 -1.97
N SER A 312 -52.15 -18.83 -2.35
CA SER A 312 -53.11 -17.76 -2.08
C SER A 312 -53.40 -17.60 -0.59
N THR A 313 -53.24 -18.66 0.19
CA THR A 313 -53.50 -18.62 1.62
C THR A 313 -52.35 -18.00 2.42
N GLY A 314 -51.26 -17.60 1.76
CA GLY A 314 -50.11 -17.04 2.43
C GLY A 314 -49.03 -18.04 2.77
N ILE A 315 -49.28 -19.33 2.60
CA ILE A 315 -48.27 -20.35 2.86
C ILE A 315 -47.14 -20.23 1.85
N LYS A 316 -45.91 -20.32 2.33
CA LYS A 316 -44.73 -20.37 1.47
C LYS A 316 -43.97 -21.66 1.76
N LYS A 317 -43.59 -22.37 0.71
CA LYS A 317 -42.92 -23.66 0.83
C LYS A 317 -41.64 -23.67 0.01
N LEU A 318 -40.62 -24.34 0.52
CA LEU A 318 -39.34 -24.44 -0.17
C LEU A 318 -39.49 -25.38 -1.37
N LEU A 319 -39.15 -24.89 -2.56
CA LEU A 319 -39.14 -25.73 -3.74
C LEU A 319 -37.78 -26.42 -3.92
N LEU A 320 -36.71 -25.64 -3.97
CA LEU A 320 -35.36 -26.20 -4.04
C LEU A 320 -34.35 -25.11 -3.71
N GLY A 321 -33.13 -25.56 -3.41
CA GLY A 321 -31.99 -24.67 -3.25
C GLY A 321 -31.01 -24.92 -4.37
N LEU A 322 -30.32 -23.86 -4.80
CA LEU A 322 -29.32 -24.00 -5.85
C LEU A 322 -28.16 -24.85 -5.35
N LYS A 323 -27.58 -25.64 -6.26
CA LYS A 323 -26.52 -26.57 -5.87
C LYS A 323 -25.32 -25.83 -5.29
N ASP A 324 -24.73 -24.92 -6.07
CA ASP A 324 -23.51 -24.24 -5.69
C ASP A 324 -23.79 -22.89 -5.07
N ASP A 325 -22.87 -22.43 -4.23
CA ASP A 325 -23.00 -21.12 -3.61
C ASP A 325 -22.70 -20.03 -4.63
N VAL A 326 -23.28 -18.85 -4.39
CA VAL A 326 -23.16 -17.71 -5.29
C VAL A 326 -22.24 -16.67 -4.66
N THR A 327 -21.34 -16.11 -5.46
CA THR A 327 -20.38 -15.12 -4.99
C THR A 327 -20.80 -13.74 -5.46
N ILE A 328 -21.07 -12.84 -4.51
CA ILE A 328 -21.31 -11.44 -4.84
C ILE A 328 -20.00 -10.80 -5.31
N LEU A 329 -20.07 -10.03 -6.38
CA LEU A 329 -18.87 -9.39 -6.92
C LEU A 329 -18.73 -7.97 -6.39
N ASP A 330 -18.94 -6.96 -7.24
CA ASP A 330 -18.88 -5.57 -6.80
C ASP A 330 -20.24 -5.14 -6.25
N ASN A 331 -20.68 -5.88 -5.22
CA ASN A 331 -21.96 -5.67 -4.54
C ASN A 331 -23.14 -5.87 -5.50
N VAL A 332 -22.91 -6.64 -6.56
CA VAL A 332 -23.96 -7.07 -7.47
C VAL A 332 -23.60 -8.47 -7.96
N VAL A 333 -24.63 -9.24 -8.31
CA VAL A 333 -24.43 -10.55 -8.93
C VAL A 333 -25.72 -10.96 -9.62
N CYS A 334 -25.59 -11.52 -10.81
CA CYS A 334 -26.71 -12.06 -11.56
C CYS A 334 -26.61 -13.58 -11.56
N VAL A 335 -27.68 -14.24 -11.13
CA VAL A 335 -27.72 -15.70 -11.08
C VAL A 335 -28.79 -16.19 -12.04
N PRO A 336 -28.45 -16.89 -13.11
CA PRO A 336 -29.48 -17.51 -13.96
C PRO A 336 -30.04 -18.74 -13.27
N VAL A 337 -31.36 -18.77 -13.11
CA VAL A 337 -32.07 -19.83 -12.41
C VAL A 337 -32.94 -20.56 -13.41
N GLU A 338 -32.67 -21.85 -13.62
CA GLU A 338 -33.46 -22.66 -14.53
C GLU A 338 -34.83 -22.93 -13.92
N MET A 339 -35.88 -22.55 -14.65
CA MET A 339 -37.25 -22.72 -14.18
C MET A 339 -37.77 -24.15 -14.33
N SER A 340 -37.00 -25.04 -14.97
CA SER A 340 -37.50 -26.39 -15.23
C SER A 340 -37.62 -27.18 -13.94
N GLY A 341 -36.56 -27.20 -13.13
CA GLY A 341 -36.64 -27.87 -11.85
C GLY A 341 -37.59 -27.21 -10.88
N VAL A 342 -37.70 -25.88 -10.96
CA VAL A 342 -38.67 -25.15 -10.12
C VAL A 342 -40.09 -25.59 -10.45
N TYR A 343 -40.40 -25.67 -11.74
CA TYR A 343 -41.74 -26.11 -12.17
C TYR A 343 -42.01 -27.54 -11.71
N ALA A 344 -41.01 -28.42 -11.86
CA ALA A 344 -41.20 -29.83 -11.48
C ALA A 344 -41.53 -29.96 -10.00
N LYS A 345 -40.83 -29.22 -9.15
CA LYS A 345 -41.10 -29.31 -7.72
C LYS A 345 -42.43 -28.67 -7.36
N ALA A 346 -42.76 -27.55 -8.00
CA ALA A 346 -44.04 -26.88 -7.69
C ALA A 346 -45.22 -27.70 -8.17
N ALA A 347 -45.14 -28.27 -9.38
CA ALA A 347 -46.26 -29.04 -9.91
C ALA A 347 -46.42 -30.37 -9.21
N LYS A 348 -45.33 -30.93 -8.67
CA LYS A 348 -45.43 -32.18 -7.93
C LYS A 348 -46.35 -32.02 -6.72
N GLY A 349 -46.33 -30.85 -6.08
CA GLY A 349 -47.13 -30.63 -4.90
C GLY A 349 -48.40 -29.84 -5.14
N ARG A 350 -48.93 -29.90 -6.36
CA ARG A 350 -50.20 -29.27 -6.69
C ARG A 350 -51.06 -30.29 -7.43
N HIS A 351 -52.27 -30.51 -6.93
CA HIS A 351 -53.19 -31.51 -7.47
C HIS A 351 -54.47 -30.89 -8.00
N ALA A 352 -54.40 -29.64 -8.45
CA ALA A 352 -55.57 -28.97 -9.00
C ALA A 352 -55.79 -29.34 -10.45
N GLY A 356 -54.55 -23.49 -9.59
CA GLY A 356 -54.37 -22.13 -10.03
C GLY A 356 -53.95 -22.02 -11.49
N LEU A 357 -53.52 -20.82 -11.88
CA LEU A 357 -53.09 -20.56 -13.25
C LEU A 357 -51.59 -20.35 -13.38
N SER A 358 -50.86 -20.29 -12.26
CA SER A 358 -49.43 -20.05 -12.26
C SER A 358 -48.89 -20.32 -10.86
N PHE A 359 -47.58 -20.50 -10.78
CA PHE A 359 -46.89 -20.59 -9.50
C PHE A 359 -46.24 -19.25 -9.17
N GLU A 360 -46.37 -18.84 -7.90
CA GLU A 360 -45.75 -17.61 -7.42
C GLU A 360 -44.40 -17.96 -6.83
N ILE A 361 -43.33 -17.60 -7.54
CA ILE A 361 -41.98 -18.00 -7.19
C ILE A 361 -41.27 -16.83 -6.52
N LEU A 362 -40.67 -17.08 -5.35
CA LEU A 362 -39.95 -16.07 -4.59
C LEU A 362 -38.57 -16.60 -4.23
N ALA A 363 -37.57 -15.74 -4.28
CA ALA A 363 -36.20 -16.11 -3.98
C ALA A 363 -35.82 -15.69 -2.56
N LYS A 364 -34.99 -16.51 -1.92
CA LYS A 364 -34.40 -16.20 -0.63
C LYS A 364 -32.89 -16.29 -0.76
N VAL A 365 -32.20 -15.24 -0.33
CA VAL A 365 -30.74 -15.15 -0.42
C VAL A 365 -30.20 -15.14 0.99
N THR A 366 -29.47 -16.21 1.35
CA THR A 366 -28.91 -16.34 2.69
C THR A 366 -27.39 -16.25 2.62
N PRO A 367 -26.79 -15.19 3.16
CA PRO A 367 -25.33 -15.09 3.11
C PRO A 367 -24.66 -16.11 4.01
N LEU A 368 -23.52 -16.64 3.55
CA LEU A 368 -22.74 -17.54 4.37
C LEU A 368 -22.20 -16.86 5.62
N ASP A 369 -22.04 -15.55 5.59
CA ASP A 369 -21.68 -14.77 6.77
C ASP A 369 -22.94 -14.66 7.63
N THR A 370 -23.00 -15.46 8.70
CA THR A 370 -24.20 -15.53 9.52
C THR A 370 -24.51 -14.21 10.23
N SER A 371 -23.54 -13.30 10.31
CA SER A 371 -23.78 -11.99 10.89
C SER A 371 -24.48 -11.03 9.94
N ILE A 372 -24.77 -11.47 8.71
CA ILE A 372 -25.50 -10.66 7.73
C ILE A 372 -26.87 -11.28 7.53
N ALA A 373 -27.90 -10.44 7.48
CA ALA A 373 -29.28 -10.92 7.44
C ALA A 373 -29.62 -11.48 6.06
N ALA A 374 -30.49 -12.48 6.06
CA ALA A 374 -31.00 -13.03 4.81
C ALA A 374 -32.02 -12.08 4.20
N PHE A 375 -32.30 -12.28 2.91
CA PHE A 375 -33.21 -11.43 2.16
C PHE A 375 -34.24 -12.30 1.46
N GLU A 376 -35.52 -11.96 1.63
CA GLU A 376 -36.62 -12.66 1.00
C GLU A 376 -37.39 -11.71 0.11
N GLN A 377 -37.72 -12.16 -1.10
CA GLN A 377 -38.58 -11.38 -1.97
C GLN A 377 -40.00 -11.33 -1.40
N ASP A 378 -40.73 -10.28 -1.76
CA ASP A 378 -42.11 -10.11 -1.31
C ASP A 378 -43.05 -10.13 -2.51
N ASP A 379 -44.30 -9.74 -2.27
CA ASP A 379 -45.33 -9.83 -3.30
C ASP A 379 -45.03 -8.91 -4.48
N LYS A 380 -44.35 -7.80 -4.25
CA LYS A 380 -44.01 -6.89 -5.34
C LYS A 380 -42.84 -7.40 -6.18
N SER A 381 -42.08 -8.38 -5.67
CA SER A 381 -40.84 -8.80 -6.31
C SER A 381 -40.86 -10.22 -6.85
N LEU A 382 -41.91 -10.99 -6.60
CA LEU A 382 -41.96 -12.37 -7.07
C LEU A 382 -42.09 -12.40 -8.59
N ILE A 383 -42.02 -13.62 -9.14
CA ILE A 383 -42.23 -13.86 -10.56
C ILE A 383 -43.29 -14.94 -10.71
N GLU A 384 -44.12 -14.82 -11.74
CA GLU A 384 -45.20 -15.76 -11.99
C GLU A 384 -44.73 -16.80 -13.00
N LEU A 385 -44.54 -18.03 -12.55
CA LEU A 385 -44.18 -19.14 -13.41
C LEU A 385 -45.46 -19.74 -13.97
N GLN A 386 -45.68 -19.57 -15.28
CA GLN A 386 -46.98 -19.85 -15.88
C GLN A 386 -47.19 -21.34 -16.10
N ILE A 387 -48.47 -21.74 -16.14
CA ILE A 387 -48.88 -23.12 -16.27
C ILE A 387 -49.73 -23.27 -17.52
N TYR A 388 -49.49 -24.36 -18.26
CA TYR A 388 -50.37 -24.78 -19.36
C TYR A 388 -50.43 -23.74 -20.47
C1 PEG B . 10.36 -14.78 1.51
O1 PEG B . 9.74 -14.11 2.57
C2 PEG B . 9.69 -16.14 1.30
O2 PEG B . 10.50 -17.16 1.81
C3 PEG B . 10.65 -17.15 3.20
C4 PEG B . 9.30 -17.40 3.87
O4 PEG B . 9.45 -17.39 5.26
C1 PEG C . -7.42 13.58 2.31
O1 PEG C . -6.65 13.96 1.20
C2 PEG C . -7.36 14.66 3.37
O2 PEG C . -6.04 14.84 3.78
C3 PEG C . -5.63 13.94 4.78
C4 PEG C . -4.19 14.23 5.18
O4 PEG C . -4.01 15.62 5.26
C1 PEG D . 59.95 5.29 -1.41
O1 PEG D . 58.68 4.73 -1.21
C2 PEG D . 61.03 4.29 -1.04
O2 PEG D . 61.71 3.88 -2.20
C3 PEG D . 62.61 2.84 -1.99
C4 PEG D . 62.09 1.55 -2.61
O4 PEG D . 62.25 1.59 -4.00
C1 PEG E . 46.82 20.24 3.45
O1 PEG E . 48.23 20.18 3.50
C2 PEG E . 46.36 21.64 3.84
O2 PEG E . 46.08 21.68 5.21
C3 PEG E . 46.81 22.67 5.90
C4 PEG E . 46.30 22.77 7.33
O4 PEG E . 46.50 21.55 7.99
#